data_1E9F
#
_entry.id   1E9F
#
_cell.length_a   100.200
_cell.length_b   100.200
_cell.length_c   49.200
_cell.angle_alpha   90.00
_cell.angle_beta   90.00
_cell.angle_gamma   90.00
#
_symmetry.space_group_name_H-M   'P 43 21 2'
#
loop_
_entity.id
_entity.type
_entity.pdbx_description
1 polymer 'THYMIDYLATE KINASE'
2 non-polymer "THYMIDINE-5'-PHOSPHATE"
3 non-polymer "ADENOSINE-5'-DIPHOSPHATE"
4 non-polymer 'MAGNESIUM ION'
5 water water
#
_entity_poly.entity_id   1
_entity_poly.type   'polypeptide(L)'
_entity_poly.pdbx_seq_one_letter_code
;GSHMAARRGALIVLEGVDGAGKSTQSRKLVEALCAAGHRAELLRFPERSTEIGKLLSSYLQKKSDVEDHSVHLLFSANRW
EQVPLIKEKLSQGVTLVVDRYAFSGVAFTGAKENFSLDWCKQPDVGLPKPDLVLFLQLQLADAAKRGRARGELERYENGA
FQERALRCFHQLMKDTTLNWKMVDASKSIEAVHEDIRVLSEDAIATATEKPLGELWK
;
_entity_poly.pdbx_strand_id   A
#
loop_
_chem_comp.id
_chem_comp.type
_chem_comp.name
_chem_comp.formula
ADP non-polymer ADENOSINE-5'-DIPHOSPHATE 'C10 H15 N5 O10 P2'
MG non-polymer 'MAGNESIUM ION' 'Mg 2'
TMP non-polymer THYMIDINE-5'-PHOSPHATE 'C10 H15 N2 O8 P'
#
# COMPACT_ATOMS: atom_id res chain seq x y z
N ARG A 7 15.27 18.68 -1.30
CA ARG A 7 15.57 17.21 -1.29
C ARG A 7 14.28 16.46 -0.88
N ARG A 8 13.61 15.87 -1.86
CA ARG A 8 12.32 15.30 -1.55
C ARG A 8 12.37 14.04 -0.69
N GLY A 9 11.24 13.87 0.02
CA GLY A 9 11.04 12.58 0.77
C GLY A 9 10.76 11.46 -0.21
N ALA A 10 10.87 10.20 0.22
CA ALA A 10 10.56 9.02 -0.51
C ALA A 10 9.07 8.62 -0.24
N LEU A 11 8.43 8.04 -1.23
CA LEU A 11 7.09 7.47 -1.07
C LEU A 11 7.26 5.97 -1.00
N ILE A 12 7.03 5.40 0.22
CA ILE A 12 7.29 4.00 0.42
C ILE A 12 5.99 3.28 0.80
N VAL A 13 5.55 2.30 0.07
CA VAL A 13 4.29 1.63 0.35
C VAL A 13 4.52 0.18 0.80
N LEU A 14 3.76 -0.29 1.78
CA LEU A 14 3.80 -1.72 2.14
C LEU A 14 2.53 -2.41 1.63
N GLU A 15 2.62 -3.57 1.04
CA GLU A 15 1.53 -4.36 0.52
C GLU A 15 1.64 -5.80 0.96
N GLY A 16 0.55 -6.56 0.82
CA GLY A 16 0.49 -7.97 1.14
C GLY A 16 -0.94 -8.37 1.60
N VAL A 17 -1.19 -9.67 1.78
CA VAL A 17 -2.51 -10.11 2.21
C VAL A 17 -2.83 -9.69 3.62
N ASP A 18 -4.08 -9.92 4.06
CA ASP A 18 -4.40 -9.62 5.45
C ASP A 18 -3.56 -10.49 6.37
N GLY A 19 -3.08 -9.88 7.49
CA GLY A 19 -2.27 -10.63 8.41
C GLY A 19 -0.79 -10.67 8.08
N ALA A 20 -0.33 -10.05 7.00
CA ALA A 20 1.05 -10.13 6.55
C ALA A 20 2.02 -9.30 7.41
N GLY A 21 1.43 -8.39 8.20
CA GLY A 21 2.40 -7.55 8.98
C GLY A 21 2.45 -6.10 8.55
N LYS A 22 1.69 -5.71 7.51
CA LYS A 22 1.84 -4.34 7.04
C LYS A 22 1.67 -3.22 8.04
N SER A 23 0.67 -3.29 8.91
CA SER A 23 0.44 -2.16 9.85
C SER A 23 1.54 -2.18 10.91
N THR A 24 1.85 -3.35 11.43
CA THR A 24 2.94 -3.43 12.44
C THR A 24 4.26 -2.89 11.82
N GLN A 25 4.57 -3.36 10.60
CA GLN A 25 5.89 -2.94 10.05
C GLN A 25 5.83 -1.49 9.59
N SER A 26 4.64 -0.99 9.19
CA SER A 26 4.58 0.45 8.83
C SER A 26 4.85 1.31 10.07
N ARG A 27 4.22 1.03 11.18
CA ARG A 27 4.36 1.76 12.41
C ARG A 27 5.85 1.67 12.81
N LYS A 28 6.45 0.45 12.85
CA LYS A 28 7.82 0.35 13.29
C LYS A 28 8.85 1.02 12.33
N LEU A 29 8.50 1.01 11.05
CA LEU A 29 9.41 1.69 10.09
C LEU A 29 9.42 3.19 10.41
N VAL A 30 8.26 3.84 10.56
CA VAL A 30 8.26 5.29 10.79
C VAL A 30 9.00 5.62 12.07
N GLU A 31 8.76 4.80 13.11
CA GLU A 31 9.51 4.99 14.37
C GLU A 31 11.01 4.87 14.17
N ALA A 32 11.50 3.86 13.47
CA ALA A 32 12.96 3.72 13.30
C ALA A 32 13.54 4.89 12.49
N LEU A 33 12.86 5.19 11.35
CA LEU A 33 13.38 6.27 10.51
C LEU A 33 13.45 7.57 11.30
N CYS A 34 12.43 7.85 12.12
CA CYS A 34 12.44 9.10 12.88
C CYS A 34 13.55 9.10 13.92
N ALA A 35 13.80 7.96 14.57
CA ALA A 35 14.84 7.87 15.57
C ALA A 35 16.20 8.01 14.89
N ALA A 36 16.30 7.73 13.64
CA ALA A 36 17.54 7.91 12.89
C ALA A 36 17.65 9.29 12.19
N GLY A 37 16.85 10.20 12.65
CA GLY A 37 16.89 11.62 12.22
C GLY A 37 16.22 11.93 10.93
N HIS A 38 15.46 10.97 10.35
CA HIS A 38 14.73 11.28 9.13
C HIS A 38 13.41 11.95 9.54
N ARG A 39 12.90 12.79 8.62
CA ARG A 39 11.53 13.26 8.79
C ARG A 39 10.67 12.21 8.04
N ALA A 40 9.78 11.54 8.74
CA ALA A 40 8.96 10.48 8.10
C ALA A 40 7.62 10.37 8.85
N GLU A 41 6.59 10.13 8.08
CA GLU A 41 5.24 10.06 8.66
C GLU A 41 4.47 8.89 8.07
N LEU A 42 3.52 8.40 8.89
CA LEU A 42 2.72 7.27 8.46
C LEU A 42 1.40 7.70 7.82
N LEU A 43 1.00 7.02 6.76
CA LEU A 43 -0.35 7.18 6.18
C LEU A 43 -0.86 5.76 5.88
N ARG A 44 -2.19 5.66 5.76
CA ARG A 44 -2.77 4.35 5.47
C ARG A 44 -4.00 4.48 4.55
N PHE A 45 -4.24 3.43 3.76
CA PHE A 45 -5.46 3.38 2.94
C PHE A 45 -6.24 2.11 3.20
N PRO A 46 -7.57 2.21 3.31
CA PRO A 46 -8.31 3.44 3.21
C PRO A 46 -8.02 4.35 4.43
N GLU A 47 -8.21 5.63 4.22
CA GLU A 47 -8.05 6.57 5.36
C GLU A 47 -9.47 6.92 5.79
N ARG A 48 -9.95 6.25 6.82
CA ARG A 48 -11.34 6.27 7.21
C ARG A 48 -11.78 7.58 7.85
N SER A 49 -10.82 8.47 8.11
CA SER A 49 -11.18 9.70 8.80
C SER A 49 -11.79 10.79 7.92
N THR A 50 -11.57 10.76 6.62
CA THR A 50 -12.19 11.78 5.76
C THR A 50 -13.64 11.41 5.52
N GLU A 51 -14.36 12.31 4.86
CA GLU A 51 -15.73 12.13 4.43
C GLU A 51 -15.93 10.89 3.58
N ILE A 52 -15.04 10.75 2.57
CA ILE A 52 -15.12 9.53 1.77
C ILE A 52 -14.74 8.33 2.59
N GLY A 53 -13.68 8.50 3.43
CA GLY A 53 -13.25 7.31 4.19
C GLY A 53 -14.32 6.76 5.13
N LYS A 54 -15.23 7.58 5.62
CA LYS A 54 -16.13 6.95 6.62
C LYS A 54 -16.91 5.80 5.99
N LEU A 55 -17.46 6.03 4.81
CA LEU A 55 -18.21 5.02 4.09
C LEU A 55 -17.34 3.80 3.76
N LEU A 56 -16.07 3.98 3.43
CA LEU A 56 -15.32 2.73 3.09
C LEU A 56 -15.25 1.83 4.32
N SER A 57 -15.11 2.47 5.49
CA SER A 57 -14.96 1.74 6.76
C SER A 57 -16.15 0.84 7.08
N SER A 58 -17.28 1.50 6.98
CA SER A 58 -18.62 0.96 7.15
C SER A 58 -18.85 -0.20 6.18
N TYR A 59 -18.43 0.00 4.94
CA TYR A 59 -18.54 -1.01 3.88
C TYR A 59 -17.81 -2.28 4.33
N LEU A 60 -16.54 -2.02 4.66
CA LEU A 60 -15.61 -3.05 5.07
C LEU A 60 -16.06 -3.74 6.36
N GLN A 61 -16.77 -2.97 7.18
CA GLN A 61 -17.28 -3.48 8.46
C GLN A 61 -18.64 -4.14 8.23
N LYS A 62 -19.03 -4.22 6.96
CA LYS A 62 -20.32 -4.80 6.59
C LYS A 62 -21.45 -4.13 7.38
N LYS A 63 -21.51 -2.81 7.25
CA LYS A 63 -22.58 -2.02 7.86
C LYS A 63 -23.33 -1.35 6.71
N SER A 64 -22.75 -1.50 5.52
CA SER A 64 -23.29 -0.93 4.30
C SER A 64 -22.94 -1.76 3.06
N ASP A 65 -23.89 -1.81 2.13
CA ASP A 65 -23.65 -2.52 0.86
C ASP A 65 -23.51 -1.47 -0.22
N VAL A 66 -22.40 -1.47 -0.93
CA VAL A 66 -22.13 -0.44 -1.96
C VAL A 66 -21.88 -1.23 -3.24
N GLU A 67 -22.52 -0.90 -4.34
CA GLU A 67 -22.34 -1.58 -5.62
C GLU A 67 -20.87 -1.73 -5.89
N ASP A 68 -20.49 -2.93 -6.46
CA ASP A 68 -19.07 -3.27 -6.52
C ASP A 68 -18.15 -2.28 -7.20
N HIS A 69 -18.57 -1.73 -8.36
CA HIS A 69 -17.80 -0.71 -9.02
C HIS A 69 -17.83 0.61 -8.21
N SER A 70 -18.98 0.95 -7.66
CA SER A 70 -19.03 2.11 -6.79
C SER A 70 -18.03 2.06 -5.60
N VAL A 71 -17.93 0.89 -4.99
CA VAL A 71 -17.03 0.84 -3.81
C VAL A 71 -15.58 0.86 -4.25
N HIS A 72 -15.30 0.24 -5.45
CA HIS A 72 -13.95 0.35 -6.00
C HIS A 72 -13.57 1.80 -6.21
N LEU A 73 -14.46 2.60 -6.88
CA LEU A 73 -14.20 3.99 -7.11
C LEU A 73 -14.09 4.86 -5.82
N LEU A 74 -14.83 4.49 -4.81
CA LEU A 74 -14.69 5.23 -3.54
C LEU A 74 -13.31 4.92 -2.94
N PHE A 75 -12.86 3.68 -2.97
CA PHE A 75 -11.47 3.44 -2.48
C PHE A 75 -10.50 4.27 -3.26
N SER A 76 -10.52 4.37 -4.61
CA SER A 76 -9.61 5.20 -5.36
C SER A 76 -9.75 6.67 -5.02
N ALA A 77 -11.01 7.16 -4.98
CA ALA A 77 -11.24 8.58 -4.67
C ALA A 77 -10.61 8.94 -3.29
N ASN A 78 -10.62 7.97 -2.39
CA ASN A 78 -10.03 8.19 -1.06
C ASN A 78 -8.54 8.40 -1.13
N ARG A 79 -7.84 7.75 -2.06
CA ARG A 79 -6.42 7.99 -2.30
C ARG A 79 -6.17 9.35 -2.92
N TRP A 80 -6.97 9.67 -4.01
CA TRP A 80 -6.82 10.97 -4.64
C TRP A 80 -7.08 12.11 -3.70
N GLU A 81 -8.00 12.00 -2.74
CA GLU A 81 -8.22 13.19 -1.90
C GLU A 81 -6.96 13.47 -1.06
N GLN A 82 -6.09 12.50 -0.84
CA GLN A 82 -4.86 12.70 -0.07
C GLN A 82 -3.68 13.11 -0.95
N VAL A 83 -3.86 13.15 -2.26
CA VAL A 83 -2.76 13.48 -3.17
C VAL A 83 -2.13 14.85 -2.92
N PRO A 84 -2.86 15.92 -2.63
CA PRO A 84 -2.24 17.23 -2.36
C PRO A 84 -1.38 17.19 -1.09
N LEU A 85 -1.87 16.53 -0.04
CA LEU A 85 -1.08 16.34 1.19
C LEU A 85 0.19 15.55 0.86
N ILE A 86 0.04 14.44 0.17
CA ILE A 86 1.08 13.55 -0.23
C ILE A 86 2.18 14.35 -0.97
N LYS A 87 1.76 15.11 -1.97
CA LYS A 87 2.80 15.83 -2.76
C LYS A 87 3.45 16.93 -1.94
N GLU A 88 2.67 17.56 -1.07
CA GLU A 88 3.21 18.65 -0.25
C GLU A 88 4.24 18.10 0.74
N LYS A 89 3.84 17.11 1.53
CA LYS A 89 4.82 16.51 2.45
C LYS A 89 6.03 16.04 1.70
N LEU A 90 5.97 15.31 0.61
CA LEU A 90 7.16 14.81 -0.07
C LEU A 90 8.05 16.02 -0.45
N SER A 91 7.41 17.05 -1.00
CA SER A 91 8.20 18.22 -1.46
C SER A 91 8.95 18.82 -0.30
N GLN A 92 8.38 18.72 0.92
CA GLN A 92 9.05 19.34 2.06
C GLN A 92 10.13 18.42 2.62
N GLY A 93 10.46 17.28 2.04
CA GLY A 93 11.50 16.40 2.50
C GLY A 93 11.00 15.28 3.44
N VAL A 94 9.71 15.12 3.54
CA VAL A 94 9.11 14.15 4.51
C VAL A 94 8.89 12.85 3.78
N THR A 95 9.46 11.76 4.25
CA THR A 95 9.30 10.48 3.61
C THR A 95 7.99 9.94 4.15
N LEU A 96 7.20 9.38 3.25
CA LEU A 96 5.91 8.87 3.69
C LEU A 96 5.87 7.34 3.61
N VAL A 97 5.44 6.74 4.74
CA VAL A 97 5.30 5.25 4.78
C VAL A 97 3.79 4.96 4.74
N VAL A 98 3.39 4.18 3.72
CA VAL A 98 1.99 4.05 3.41
C VAL A 98 1.53 2.62 3.53
N ASP A 99 0.60 2.37 4.46
CA ASP A 99 0.09 1.06 4.77
C ASP A 99 -1.08 0.72 3.84
N ARG A 100 -0.76 0.08 2.72
CA ARG A 100 -1.67 -0.26 1.63
C ARG A 100 -1.86 0.96 0.68
N TYR A 101 -1.92 0.62 -0.62
CA TYR A 101 -2.16 1.70 -1.60
C TYR A 101 -3.01 1.19 -2.76
N ALA A 102 -2.70 1.70 -3.96
CA ALA A 102 -3.47 1.29 -5.15
C ALA A 102 -3.46 -0.20 -5.41
N PHE A 103 -2.33 -0.89 -5.10
CA PHE A 103 -2.27 -2.33 -5.34
C PHE A 103 -3.30 -3.12 -4.62
N SER A 104 -3.49 -2.81 -3.29
CA SER A 104 -4.55 -3.50 -2.55
C SER A 104 -5.91 -3.22 -3.24
N GLY A 105 -6.05 -2.01 -3.70
CA GLY A 105 -7.22 -1.45 -4.38
C GLY A 105 -7.57 -2.36 -5.55
N VAL A 106 -6.56 -2.62 -6.36
CA VAL A 106 -6.79 -3.49 -7.51
C VAL A 106 -6.88 -4.94 -7.13
N ALA A 107 -6.05 -5.44 -6.20
CA ALA A 107 -6.06 -6.80 -5.75
C ALA A 107 -7.34 -7.23 -5.06
N PHE A 108 -7.91 -6.34 -4.23
CA PHE A 108 -9.19 -6.72 -3.64
C PHE A 108 -10.33 -6.55 -4.65
N THR A 109 -10.47 -5.55 -5.48
CA THR A 109 -11.62 -5.48 -6.43
C THR A 109 -11.40 -6.49 -7.54
N GLY A 110 -10.19 -6.54 -8.08
CA GLY A 110 -9.77 -7.45 -9.13
C GLY A 110 -9.90 -8.92 -8.73
N ALA A 111 -10.09 -9.16 -7.44
CA ALA A 111 -10.35 -10.51 -6.95
C ALA A 111 -11.80 -10.91 -7.22
N LYS A 112 -12.65 -9.92 -7.50
CA LYS A 112 -14.07 -10.19 -7.69
C LYS A 112 -14.33 -10.67 -9.10
N GLU A 113 -15.49 -11.24 -9.34
CA GLU A 113 -15.81 -11.76 -10.67
C GLU A 113 -16.12 -10.62 -11.62
N ASN A 114 -15.70 -10.76 -12.87
CA ASN A 114 -15.90 -9.76 -13.89
C ASN A 114 -15.28 -8.41 -13.59
N PHE A 115 -14.06 -8.44 -13.04
CA PHE A 115 -13.33 -7.17 -12.84
C PHE A 115 -11.95 -7.34 -13.51
N SER A 116 -11.82 -6.79 -14.71
CA SER A 116 -10.53 -6.89 -15.39
C SER A 116 -9.54 -6.04 -14.62
N LEU A 117 -8.28 -6.49 -14.60
CA LEU A 117 -7.27 -5.70 -13.96
C LEU A 117 -7.21 -4.33 -14.65
N ASP A 118 -7.50 -4.34 -15.96
CA ASP A 118 -7.36 -3.08 -16.70
C ASP A 118 -8.42 -2.10 -16.12
N TRP A 119 -9.63 -2.57 -15.99
CA TRP A 119 -10.67 -1.61 -15.52
C TRP A 119 -10.32 -1.18 -14.09
N CYS A 120 -9.85 -2.16 -13.28
CA CYS A 120 -9.50 -1.81 -11.89
C CYS A 120 -8.36 -0.85 -11.73
N LYS A 121 -7.32 -0.83 -12.57
CA LYS A 121 -6.24 0.09 -12.46
C LYS A 121 -6.56 1.52 -12.89
N GLN A 122 -7.50 1.71 -13.87
CA GLN A 122 -7.68 3.06 -14.35
C GLN A 122 -7.88 4.22 -13.40
N PRO A 123 -8.78 4.12 -12.45
CA PRO A 123 -9.08 5.18 -11.48
C PRO A 123 -7.82 5.70 -10.79
N ASP A 124 -6.88 4.77 -10.49
CA ASP A 124 -5.63 5.15 -9.83
C ASP A 124 -4.51 5.51 -10.80
N VAL A 125 -4.75 5.43 -12.11
CA VAL A 125 -3.66 5.92 -13.02
C VAL A 125 -3.32 7.34 -12.78
N GLY A 126 -2.01 7.70 -12.56
CA GLY A 126 -1.63 9.04 -12.27
C GLY A 126 -1.39 9.42 -10.81
N LEU A 127 -1.71 8.49 -9.90
CA LEU A 127 -1.45 8.76 -8.49
C LEU A 127 0.08 8.88 -8.31
N PRO A 128 0.51 9.53 -7.26
CA PRO A 128 1.94 9.60 -6.95
C PRO A 128 2.49 8.19 -7.03
N LYS A 129 3.63 7.97 -7.75
CA LYS A 129 4.14 6.63 -7.92
C LYS A 129 5.05 6.29 -6.72
N PRO A 130 4.88 5.18 -6.06
CA PRO A 130 5.82 4.87 -4.95
C PRO A 130 7.24 4.73 -5.49
N ASP A 131 8.18 5.15 -4.66
CA ASP A 131 9.62 4.96 -4.91
C ASP A 131 10.05 3.56 -4.54
N LEU A 132 9.32 2.89 -3.64
CA LEU A 132 9.56 1.53 -3.22
C LEU A 132 8.27 0.81 -2.82
N VAL A 133 8.01 -0.34 -3.37
CA VAL A 133 6.85 -1.12 -2.93
C VAL A 133 7.30 -2.36 -2.22
N LEU A 134 7.13 -2.41 -0.89
CA LEU A 134 7.51 -3.61 -0.17
C LEU A 134 6.36 -4.62 -0.11
N PHE A 135 6.58 -5.83 -0.59
CA PHE A 135 5.51 -6.83 -0.58
C PHE A 135 5.82 -7.86 0.47
N LEU A 136 5.02 -7.88 1.53
CA LEU A 136 5.27 -8.77 2.70
C LEU A 136 4.71 -10.18 2.39
N GLN A 137 5.66 -11.01 1.99
CA GLN A 137 5.29 -12.37 1.54
C GLN A 137 5.24 -13.40 2.62
N LEU A 138 4.13 -14.15 2.64
CA LEU A 138 4.03 -15.26 3.60
C LEU A 138 2.93 -16.23 3.13
N GLN A 139 3.08 -17.49 3.55
CA GLN A 139 2.06 -18.46 3.18
C GLN A 139 0.69 -18.00 3.69
N LEU A 140 -0.34 -18.24 2.88
CA LEU A 140 -1.70 -17.89 3.36
C LEU A 140 -2.09 -18.47 4.68
N ALA A 141 -1.69 -19.73 4.94
CA ALA A 141 -2.05 -20.43 6.16
C ALA A 141 -1.34 -19.79 7.36
N ASP A 142 -0.16 -19.22 7.10
CA ASP A 142 0.52 -18.51 8.20
C ASP A 142 -0.18 -17.18 8.47
N ALA A 143 -0.57 -16.47 7.42
CA ALA A 143 -1.32 -15.19 7.65
C ALA A 143 -2.57 -15.47 8.42
N ALA A 144 -3.29 -16.53 7.99
CA ALA A 144 -4.56 -16.86 8.63
C ALA A 144 -4.40 -17.12 10.09
N LYS A 145 -3.35 -17.80 10.54
CA LYS A 145 -3.19 -18.12 11.96
C LYS A 145 -3.02 -16.89 12.84
N ARG A 146 -2.55 -15.80 12.22
CA ARG A 146 -2.34 -14.56 12.99
C ARG A 146 -3.65 -13.98 13.43
N TYR A 156 -13.43 -9.16 2.72
CA TYR A 156 -12.49 -9.75 1.75
C TYR A 156 -11.62 -10.75 2.51
N GLU A 157 -11.92 -10.82 3.80
CA GLU A 157 -11.20 -11.62 4.76
C GLU A 157 -11.58 -13.07 4.98
N ASN A 158 -11.56 -13.92 3.95
CA ASN A 158 -11.82 -15.35 4.17
C ASN A 158 -10.71 -16.02 3.35
N GLY A 159 -10.50 -17.30 3.50
CA GLY A 159 -9.46 -18.01 2.78
C GLY A 159 -9.50 -17.85 1.28
N ALA A 160 -10.72 -18.09 0.73
CA ALA A 160 -10.81 -18.04 -0.70
C ALA A 160 -10.60 -16.62 -1.26
N PHE A 161 -11.05 -15.64 -0.52
CA PHE A 161 -10.89 -14.25 -1.07
C PHE A 161 -9.42 -13.79 -0.98
N GLN A 162 -8.76 -14.14 0.12
CA GLN A 162 -7.32 -13.82 0.27
C GLN A 162 -6.47 -14.46 -0.79
N GLU A 163 -6.83 -15.72 -1.16
CA GLU A 163 -6.00 -16.39 -2.18
C GLU A 163 -6.26 -15.76 -3.52
N ARG A 164 -7.47 -15.32 -3.83
CA ARG A 164 -7.68 -14.64 -5.11
C ARG A 164 -6.93 -13.30 -5.18
N ALA A 165 -6.99 -12.59 -4.02
CA ALA A 165 -6.25 -11.31 -4.01
C ALA A 165 -4.75 -11.52 -4.18
N LEU A 166 -4.22 -12.59 -3.62
CA LEU A 166 -2.77 -12.85 -3.72
C LEU A 166 -2.43 -13.06 -5.20
N ARG A 167 -3.26 -13.83 -5.87
CA ARG A 167 -3.09 -13.99 -7.32
C ARG A 167 -3.02 -12.65 -8.02
N CYS A 168 -3.93 -11.69 -7.78
CA CYS A 168 -3.82 -10.39 -8.45
C CYS A 168 -2.49 -9.76 -8.04
N PHE A 169 -2.14 -9.84 -6.72
CA PHE A 169 -0.88 -9.19 -6.36
C PHE A 169 0.26 -9.71 -7.27
N HIS A 170 0.30 -11.01 -7.46
CA HIS A 170 1.33 -11.58 -8.35
C HIS A 170 1.20 -11.06 -9.77
N GLN A 171 -0.02 -10.87 -10.30
CA GLN A 171 -0.16 -10.27 -11.61
C GLN A 171 0.36 -8.84 -11.58
N LEU A 172 0.13 -8.05 -10.51
CA LEU A 172 0.67 -6.70 -10.49
C LEU A 172 2.17 -6.59 -10.42
N MET A 173 2.85 -7.53 -9.81
CA MET A 173 4.28 -7.46 -9.63
C MET A 173 5.06 -7.76 -10.91
N LYS A 174 4.35 -8.04 -11.98
CA LYS A 174 5.01 -8.23 -13.28
C LYS A 174 5.28 -6.85 -13.89
N ASP A 175 4.70 -5.80 -13.31
CA ASP A 175 4.93 -4.45 -13.81
C ASP A 175 6.30 -3.99 -13.31
N THR A 176 7.27 -4.17 -14.18
CA THR A 176 8.67 -3.88 -13.90
C THR A 176 8.93 -2.38 -13.83
N THR A 177 7.95 -1.54 -14.18
CA THR A 177 8.17 -0.11 -13.98
C THR A 177 8.19 0.25 -12.48
N LEU A 178 7.75 -0.66 -11.63
CA LEU A 178 7.73 -0.35 -10.20
C LEU A 178 8.90 -1.00 -9.49
N ASN A 179 9.35 -0.33 -8.41
CA ASN A 179 10.46 -0.88 -7.61
C ASN A 179 9.95 -1.78 -6.50
N TRP A 180 9.52 -2.95 -6.87
CA TRP A 180 9.05 -3.99 -6.01
C TRP A 180 10.19 -4.69 -5.24
N LYS A 181 10.00 -4.82 -3.92
CA LYS A 181 10.95 -5.66 -3.15
C LYS A 181 10.16 -6.70 -2.37
N MET A 182 10.56 -7.97 -2.47
CA MET A 182 9.90 -9.01 -1.71
C MET A 182 10.53 -9.02 -0.31
N VAL A 183 9.74 -9.17 0.72
CA VAL A 183 10.20 -9.30 2.07
C VAL A 183 9.63 -10.60 2.65
N ASP A 184 10.52 -11.37 3.30
CA ASP A 184 10.04 -12.59 3.93
C ASP A 184 9.31 -12.33 5.20
N ALA A 185 7.98 -12.14 5.11
CA ALA A 185 7.16 -11.78 6.24
C ALA A 185 6.86 -12.85 7.26
N SER A 186 7.42 -14.04 7.02
CA SER A 186 7.20 -15.13 8.00
C SER A 186 8.21 -15.07 9.14
N LYS A 187 9.21 -14.18 9.09
CA LYS A 187 10.16 -14.15 10.21
C LYS A 187 9.59 -13.38 11.40
N SER A 188 10.35 -13.21 12.50
CA SER A 188 9.86 -12.45 13.64
C SER A 188 9.60 -10.95 13.29
N ILE A 189 8.79 -10.32 14.10
CA ILE A 189 8.57 -8.88 13.92
C ILE A 189 9.89 -8.13 13.76
N GLU A 190 10.85 -8.33 14.69
CA GLU A 190 12.11 -7.62 14.62
C GLU A 190 12.93 -7.98 13.39
N ALA A 191 12.89 -9.25 12.96
CA ALA A 191 13.74 -9.60 11.79
C ALA A 191 13.16 -8.97 10.51
N VAL A 192 11.84 -9.10 10.40
CA VAL A 192 11.20 -8.46 9.22
C VAL A 192 11.44 -6.95 9.26
N HIS A 193 11.34 -6.35 10.43
CA HIS A 193 11.57 -4.90 10.53
C HIS A 193 12.99 -4.56 10.03
N GLU A 194 13.98 -5.36 10.43
CA GLU A 194 15.34 -4.84 10.02
C GLU A 194 15.50 -4.96 8.52
N ASP A 195 14.90 -6.01 7.95
CA ASP A 195 14.91 -6.15 6.48
C ASP A 195 14.29 -4.93 5.79
N ILE A 196 13.12 -4.53 6.28
CA ILE A 196 12.39 -3.38 5.70
C ILE A 196 13.14 -2.06 5.94
N ARG A 197 13.78 -1.92 7.11
CA ARG A 197 14.45 -0.66 7.45
C ARG A 197 15.59 -0.42 6.46
N VAL A 198 16.35 -1.50 6.28
CA VAL A 198 17.55 -1.33 5.37
C VAL A 198 17.11 -0.99 3.94
N LEU A 199 16.06 -1.66 3.46
CA LEU A 199 15.54 -1.37 2.11
C LEU A 199 15.06 0.07 2.03
N SER A 200 14.38 0.53 3.10
CA SER A 200 13.89 1.89 3.15
C SER A 200 14.98 2.95 3.14
N GLU A 201 15.99 2.77 3.98
CA GLU A 201 17.10 3.74 4.05
C GLU A 201 17.70 3.91 2.63
N ASP A 202 17.81 2.82 1.90
CA ASP A 202 18.40 2.84 0.55
C ASP A 202 17.54 3.61 -0.44
N ALA A 203 16.21 3.43 -0.34
CA ALA A 203 15.30 4.15 -1.22
C ALA A 203 15.29 5.64 -0.90
N ILE A 204 15.29 6.01 0.38
CA ILE A 204 15.33 7.40 0.78
C ILE A 204 16.65 8.08 0.28
N ALA A 205 17.71 7.30 0.29
CA ALA A 205 19.01 7.87 -0.12
C ALA A 205 19.26 7.88 -1.64
N THR A 206 18.71 6.94 -2.37
CA THR A 206 19.07 7.00 -3.81
C THR A 206 17.85 7.12 -4.73
N ALA A 207 16.79 6.38 -4.43
CA ALA A 207 15.60 6.40 -5.25
C ALA A 207 15.00 7.80 -5.33
N THR A 208 15.36 8.76 -4.49
CA THR A 208 14.68 10.04 -4.57
C THR A 208 15.38 11.05 -5.50
N GLU A 209 16.51 10.69 -6.11
CA GLU A 209 17.19 11.69 -6.93
C GLU A 209 16.37 12.09 -8.15
N LYS A 210 15.35 11.32 -8.47
CA LYS A 210 14.45 11.50 -9.60
C LYS A 210 13.15 12.14 -9.13
N PRO A 211 12.53 12.99 -9.92
CA PRO A 211 11.26 13.57 -9.54
C PRO A 211 10.21 12.50 -9.22
N LEU A 212 9.22 12.86 -8.40
CA LEU A 212 8.13 11.90 -8.09
C LEU A 212 7.44 11.50 -9.37
N GLY A 213 7.24 10.23 -9.64
CA GLY A 213 6.62 9.70 -10.83
C GLY A 213 5.07 9.66 -10.69
N GLU A 214 4.44 9.09 -11.70
CA GLU A 214 3.08 8.78 -11.90
C GLU A 214 2.77 7.32 -12.09
N LEU A 215 1.87 6.82 -11.23
CA LEU A 215 1.50 5.45 -11.19
C LEU A 215 0.82 4.98 -12.49
N TRP A 216 1.29 3.88 -13.00
CA TRP A 216 0.73 3.22 -14.16
C TRP A 216 0.54 4.12 -15.40
N LYS A 217 1.36 5.12 -15.61
CA LYS A 217 1.34 5.98 -16.78
C LYS A 217 2.77 6.45 -17.07
P TMP B . -6.68 -2.78 6.13
O1P TMP B . -6.87 -4.03 6.90
O2P TMP B . -5.33 -2.41 5.60
O3P TMP B . -7.36 -1.54 6.90
O5' TMP B . -7.62 -2.79 4.83
C5' TMP B . -9.02 -3.13 4.97
C4' TMP B . -9.49 -3.76 3.64
O4' TMP B . -9.72 -2.90 2.51
C3' TMP B . -8.73 -5.00 3.24
O3' TMP B . -9.54 -6.15 3.16
C2' TMP B . -8.21 -4.60 1.83
C1' TMP B . -9.22 -3.54 1.38
N1 TMP B . -8.93 -2.59 0.32
C2 TMP B . -9.76 -2.57 -0.85
O2 TMP B . -10.60 -3.45 -1.03
N3 TMP B . -9.45 -1.56 -1.71
C4 TMP B . -8.50 -0.58 -1.48
O4 TMP B . -8.15 0.48 -2.31
C5 TMP B . -7.67 -0.69 -0.21
C5M TMP B . -6.61 0.33 0.07
C6 TMP B . -7.98 -1.71 0.62
PB ADP C . -1.74 -6.51 8.42
O1B ADP C . -0.89 -6.96 7.29
O2B ADP C . -1.83 -5.06 8.67
O3B ADP C . -3.18 -7.15 8.40
PA ADP C . -0.83 -6.64 11.22
O1A ADP C . -2.04 -5.97 11.75
O2A ADP C . 0.46 -5.87 11.21
O3A ADP C . -1.04 -7.22 9.75
O5' ADP C . -0.51 -8.00 12.01
C5' ADP C . -1.57 -8.98 12.11
C4' ADP C . -1.36 -9.76 13.47
O4' ADP C . -0.21 -10.55 13.32
C3' ADP C . -1.16 -8.87 14.68
O3' ADP C . -1.68 -9.54 15.84
C2' ADP C . 0.37 -8.84 14.79
O2' ADP C . 0.90 -8.59 16.06
C1' ADP C . 0.77 -10.22 14.29
N9 ADP C . 2.10 -10.17 13.65
C8 ADP C . 2.62 -9.13 12.85
N7 ADP C . 3.83 -9.46 12.36
C5 ADP C . 4.10 -10.73 12.91
C6 ADP C . 5.20 -11.57 12.77
N6 ADP C . 6.25 -11.31 12.08
N1 ADP C . 5.06 -12.75 13.40
C2 ADP C . 4.00 -13.13 14.13
N3 ADP C . 2.93 -12.36 14.30
C4 ADP C . 3.05 -11.21 13.65
MG MG D . -3.30 -3.69 8.82
MG MG E . -7.04 2.03 -21.50
#